data_2GSR
#
_entry.id   2GSR
#
_cell.length_a   101.250
_cell.length_b   82.530
_cell.length_c   54.280
_cell.angle_alpha   90.00
_cell.angle_beta   90.00
_cell.angle_gamma   90.00
#
_symmetry.space_group_name_H-M   'P 21 21 21'
#
loop_
_entity.id
_entity.type
_entity.pdbx_description
1 polymer 'CLASS PI GST GLUTATHIONE S-TRANSFERASE'
2 non-polymer 'GLUTATHIONE SULFONIC ACID'
3 water water
#
_entity_poly.entity_id   1
_entity_poly.type   'polypeptide(L)'
_entity_poly.pdbx_seq_one_letter_code
;PPYTITYFPVRGRCEAMRMLLADQDQSWKEEVVTMETWPPLKPSCLFRQLPKFQDGDLTLYQSNAILRHLGRSFGLYGKD
QKEAALVDMVNDGVEDLRCKYATLIYTNYEAGKEKYVKELPEHLKPFETLLSQNQGGQAFVVGSQISFADYNLLDLLRIH
QVLNPSCLDAFPLLSAYVARLSARPKIKAFLASPEHVNRPINGNGKQ
;
_entity_poly.pdbx_strand_id   A,B
#
loop_
_chem_comp.id
_chem_comp.type
_chem_comp.name
_chem_comp.formula
GTS non-polymer 'GLUTATHIONE SULFONIC ACID' 'C10 H17 N3 O9 S'
#
# COMPACT_ATOMS: atom_id res chain seq x y z
N PRO A 1 5.55 -6.21 -22.76
CA PRO A 1 4.32 -6.90 -23.14
C PRO A 1 4.75 -8.34 -23.51
N PRO A 2 3.94 -9.34 -23.85
CA PRO A 2 2.49 -9.24 -23.71
C PRO A 2 2.01 -9.29 -22.24
N TYR A 3 0.75 -8.95 -22.01
CA TYR A 3 0.17 -8.78 -20.70
C TYR A 3 -0.91 -9.79 -20.46
N THR A 4 -0.87 -10.47 -19.32
CA THR A 4 -1.91 -11.41 -18.93
C THR A 4 -2.31 -11.14 -17.47
N ILE A 5 -3.60 -10.94 -17.21
CA ILE A 5 -4.08 -10.71 -15.87
C ILE A 5 -4.68 -12.05 -15.44
N THR A 6 -4.26 -12.66 -14.32
CA THR A 6 -4.90 -13.88 -13.81
C THR A 6 -5.71 -13.43 -12.59
N TYR A 7 -7.02 -13.66 -12.51
CA TYR A 7 -7.82 -13.17 -11.39
C TYR A 7 -9.14 -13.90 -11.45
N PHE A 8 -9.92 -13.70 -10.40
CA PHE A 8 -11.26 -14.25 -10.22
C PHE A 8 -12.21 -13.55 -11.16
N PRO A 9 -13.39 -14.08 -11.47
CA PRO A 9 -14.37 -13.41 -12.31
C PRO A 9 -14.97 -12.14 -11.70
N VAL A 10 -14.22 -11.06 -11.33
CA VAL A 10 -14.79 -9.87 -10.70
C VAL A 10 -14.04 -8.64 -11.19
N ARG A 11 -14.58 -7.48 -10.86
CA ARG A 11 -13.95 -6.21 -11.14
C ARG A 11 -12.92 -6.08 -10.02
N GLY A 12 -13.33 -5.96 -8.77
CA GLY A 12 -12.45 -5.95 -7.61
C GLY A 12 -11.18 -5.14 -7.74
N ARG A 13 -10.05 -5.79 -7.48
CA ARG A 13 -8.75 -5.12 -7.51
C ARG A 13 -8.12 -5.09 -8.89
N CYS A 14 -8.83 -5.50 -9.93
CA CYS A 14 -8.31 -5.45 -11.29
C CYS A 14 -8.97 -4.41 -12.21
N GLU A 15 -10.12 -3.81 -11.89
CA GLU A 15 -10.70 -2.88 -12.86
C GLU A 15 -9.91 -1.62 -13.07
N ALA A 16 -9.16 -1.11 -12.10
CA ALA A 16 -8.37 0.10 -12.30
C ALA A 16 -7.25 -0.16 -13.30
N MET A 17 -6.58 -1.31 -13.18
CA MET A 17 -5.50 -1.62 -14.10
C MET A 17 -6.05 -1.96 -15.46
N ARG A 18 -7.22 -2.59 -15.58
CA ARG A 18 -7.84 -2.83 -16.87
C ARG A 18 -8.12 -1.49 -17.60
N MET A 19 -8.73 -0.50 -16.93
CA MET A 19 -9.00 0.82 -17.50
C MET A 19 -7.70 1.53 -17.92
N LEU A 20 -6.64 1.45 -17.12
CA LEU A 20 -5.35 2.04 -17.43
C LEU A 20 -4.80 1.49 -18.72
N LEU A 21 -4.89 0.17 -18.87
CA LEU A 21 -4.38 -0.49 -20.06
C LEU A 21 -5.21 -0.14 -21.29
N ALA A 22 -6.54 -0.09 -21.18
CA ALA A 22 -7.43 0.28 -22.26
C ALA A 22 -7.16 1.73 -22.71
N ASP A 23 -7.03 2.65 -21.77
CA ASP A 23 -6.81 4.05 -22.06
C ASP A 23 -5.47 4.29 -22.73
N GLN A 24 -4.54 3.36 -22.52
CA GLN A 24 -3.22 3.40 -23.09
C GLN A 24 -3.12 2.59 -24.34
N ASP A 25 -4.25 2.15 -24.90
CA ASP A 25 -4.32 1.35 -26.12
C ASP A 25 -3.62 -0.02 -26.04
N GLN A 26 -3.59 -0.66 -24.88
CA GLN A 26 -2.95 -1.95 -24.77
C GLN A 26 -4.00 -3.02 -24.84
N SER A 27 -3.57 -4.20 -25.25
CA SER A 27 -4.44 -5.36 -25.20
C SER A 27 -3.80 -6.26 -24.14
N TRP A 28 -4.57 -7.21 -23.62
CA TRP A 28 -4.08 -8.12 -22.59
C TRP A 28 -5.00 -9.33 -22.63
N LYS A 29 -4.47 -10.42 -22.07
CA LYS A 29 -5.24 -11.65 -21.96
C LYS A 29 -5.78 -11.70 -20.53
N GLU A 30 -6.97 -12.23 -20.42
CA GLU A 30 -7.68 -12.38 -19.17
C GLU A 30 -7.63 -13.89 -18.80
N GLU A 31 -6.95 -14.35 -17.78
CA GLU A 31 -6.99 -15.76 -17.40
C GLU A 31 -7.92 -15.74 -16.21
N VAL A 32 -9.09 -16.36 -16.35
CA VAL A 32 -10.11 -16.31 -15.29
C VAL A 32 -9.99 -17.52 -14.35
N VAL A 33 -9.92 -17.32 -13.04
CA VAL A 33 -9.77 -18.42 -12.09
C VAL A 33 -11.08 -18.63 -11.35
N THR A 34 -11.50 -19.88 -11.16
CA THR A 34 -12.75 -20.16 -10.49
C THR A 34 -12.52 -20.90 -9.19
N MET A 35 -13.61 -21.14 -8.48
CA MET A 35 -13.58 -21.90 -7.23
C MET A 35 -12.90 -23.26 -7.35
N GLU A 36 -13.12 -23.97 -8.46
CA GLU A 36 -12.46 -25.23 -8.69
C GLU A 36 -10.99 -25.07 -9.01
N THR A 37 -10.55 -24.06 -9.78
CA THR A 37 -9.14 -23.97 -10.12
C THR A 37 -8.31 -23.18 -9.12
N TRP A 38 -8.94 -22.44 -8.22
CA TRP A 38 -8.19 -21.68 -7.25
C TRP A 38 -7.46 -22.56 -6.24
N PRO A 39 -7.96 -23.58 -5.51
CA PRO A 39 -7.20 -24.31 -4.49
C PRO A 39 -5.92 -24.99 -4.99
N PRO A 40 -5.79 -25.59 -6.18
CA PRO A 40 -4.49 -25.97 -6.75
C PRO A 40 -3.60 -24.81 -7.17
N LEU A 41 -4.10 -23.66 -7.61
CA LEU A 41 -3.22 -22.58 -8.04
C LEU A 41 -2.68 -21.82 -6.85
N LYS A 42 -3.47 -21.74 -5.78
CA LYS A 42 -3.15 -20.90 -4.64
C LYS A 42 -1.78 -21.11 -4.03
N PRO A 43 -1.25 -22.33 -3.82
CA PRO A 43 0.09 -22.50 -3.30
C PRO A 43 1.18 -21.98 -4.22
N SER A 44 1.01 -21.86 -5.55
CA SER A 44 2.06 -21.31 -6.40
C SER A 44 2.05 -19.78 -6.49
N CYS A 45 1.09 -19.10 -5.87
CA CYS A 45 1.05 -17.66 -5.88
C CYS A 45 1.95 -17.24 -4.75
N LEU A 46 2.93 -16.34 -4.98
CA LEU A 46 3.89 -15.91 -3.98
C LEU A 46 3.27 -15.54 -2.66
N PHE A 47 2.23 -14.72 -2.66
CA PHE A 47 1.61 -14.29 -1.41
C PHE A 47 0.26 -14.98 -1.31
N ARG A 48 0.12 -16.16 -1.91
CA ARG A 48 -1.09 -16.96 -1.89
C ARG A 48 -2.36 -16.25 -2.37
N GLN A 49 -2.28 -15.15 -3.12
CA GLN A 49 -3.44 -14.41 -3.59
C GLN A 49 -3.35 -13.93 -5.06
N LEU A 50 -4.48 -13.59 -5.63
CA LEU A 50 -4.59 -13.03 -6.97
C LEU A 50 -4.94 -11.55 -6.78
N PRO A 51 -4.71 -10.58 -7.69
CA PRO A 51 -4.16 -10.79 -9.03
C PRO A 51 -2.70 -11.19 -9.20
N LYS A 52 -2.49 -11.89 -10.31
CA LYS A 52 -1.16 -12.22 -10.80
C LYS A 52 -1.12 -11.48 -12.13
N PHE A 53 0.02 -10.92 -12.52
CA PHE A 53 0.12 -10.18 -13.76
C PHE A 53 1.37 -10.59 -14.45
N GLN A 54 1.34 -10.92 -15.72
CA GLN A 54 2.56 -11.22 -16.46
C GLN A 54 2.77 -10.15 -17.51
N ASP A 55 4.00 -9.66 -17.56
CA ASP A 55 4.42 -8.70 -18.54
C ASP A 55 5.62 -9.34 -19.20
N GLY A 56 5.39 -10.04 -20.30
CA GLY A 56 6.48 -10.72 -20.98
C GLY A 56 7.00 -11.78 -20.04
N ASP A 57 8.23 -11.72 -19.57
CA ASP A 57 8.68 -12.73 -18.62
C ASP A 57 8.73 -12.23 -17.17
N LEU A 58 8.09 -11.11 -16.83
CA LEU A 58 8.08 -10.66 -15.45
C LEU A 58 6.71 -11.06 -14.99
N THR A 59 6.68 -11.78 -13.87
CA THR A 59 5.45 -12.21 -13.20
C THR A 59 5.38 -11.33 -11.96
N LEU A 60 4.30 -10.60 -11.76
CA LEU A 60 4.12 -9.77 -10.59
C LEU A 60 2.84 -10.19 -9.87
N TYR A 61 2.78 -9.85 -8.58
CA TYR A 61 1.59 -10.00 -7.74
C TYR A 61 1.48 -8.62 -7.08
N GLN A 62 0.42 -8.37 -6.31
CA GLN A 62 0.15 -7.17 -5.51
C GLN A 62 -0.37 -6.06 -6.43
N SER A 63 -1.70 -5.79 -6.43
CA SER A 63 -2.37 -4.89 -7.34
C SER A 63 -1.74 -3.51 -7.44
N ASN A 64 -1.30 -2.89 -6.36
CA ASN A 64 -0.65 -1.59 -6.44
C ASN A 64 0.76 -1.65 -7.01
N ALA A 65 1.52 -2.75 -6.84
CA ALA A 65 2.84 -2.88 -7.44
C ALA A 65 2.67 -2.99 -8.96
N ILE A 66 1.61 -3.64 -9.42
CA ILE A 66 1.31 -3.77 -10.83
C ILE A 66 0.94 -2.39 -11.38
N LEU A 67 0.12 -1.60 -10.68
CA LEU A 67 -0.26 -0.27 -11.12
C LEU A 67 1.00 0.60 -11.14
N ARG A 68 1.89 0.52 -10.14
CA ARG A 68 3.10 1.34 -10.17
C ARG A 68 4.01 0.94 -11.32
N HIS A 69 3.99 -0.35 -11.66
CA HIS A 69 4.80 -0.86 -12.75
C HIS A 69 4.29 -0.31 -14.07
N LEU A 70 2.99 -0.30 -14.25
CA LEU A 70 2.40 0.22 -15.44
C LEU A 70 2.59 1.76 -15.48
N GLY A 71 2.59 2.47 -14.35
CA GLY A 71 2.79 3.92 -14.32
C GLY A 71 4.19 4.27 -14.81
N ARG A 72 5.14 3.44 -14.39
CA ARG A 72 6.53 3.58 -14.76
C ARG A 72 6.65 3.30 -16.24
N SER A 73 6.09 2.18 -16.70
CA SER A 73 6.14 1.81 -18.09
C SER A 73 5.45 2.82 -18.99
N PHE A 74 4.37 3.51 -18.58
CA PHE A 74 3.68 4.41 -19.50
C PHE A 74 3.79 5.89 -19.21
N GLY A 75 4.66 6.37 -18.33
CA GLY A 75 4.78 7.78 -18.02
C GLY A 75 3.61 8.32 -17.22
N LEU A 76 3.04 7.49 -16.33
CA LEU A 76 1.87 7.83 -15.57
C LEU A 76 2.22 7.95 -14.11
N TYR A 77 3.36 8.55 -13.80
CA TYR A 77 3.82 8.67 -12.43
C TYR A 77 4.25 10.09 -12.14
N GLY A 78 3.62 11.10 -12.73
CA GLY A 78 3.98 12.48 -12.41
C GLY A 78 5.19 12.94 -13.22
N LYS A 79 5.46 14.25 -13.20
CA LYS A 79 6.52 14.81 -14.00
C LYS A 79 7.86 14.87 -13.30
N ASP A 80 7.99 14.64 -12.00
CA ASP A 80 9.29 14.69 -11.34
C ASP A 80 9.19 13.91 -10.05
N GLN A 81 10.26 13.95 -9.25
CA GLN A 81 10.31 13.22 -8.00
C GLN A 81 9.31 13.72 -6.97
N LYS A 82 9.03 15.02 -6.88
CA LYS A 82 8.06 15.50 -5.90
C LYS A 82 6.68 15.03 -6.27
N GLU A 83 6.36 15.08 -7.57
CA GLU A 83 5.06 14.65 -8.01
C GLU A 83 4.95 13.15 -7.80
N ALA A 84 6.00 12.38 -8.03
CA ALA A 84 5.93 10.95 -7.79
C ALA A 84 5.59 10.63 -6.33
N ALA A 85 6.12 11.42 -5.38
CA ALA A 85 5.85 11.28 -3.96
C ALA A 85 4.37 11.54 -3.72
N LEU A 86 3.85 12.63 -4.27
CA LEU A 86 2.43 12.95 -4.20
C LEU A 86 1.52 11.89 -4.82
N VAL A 87 1.86 11.31 -5.97
CA VAL A 87 1.06 10.26 -6.57
C VAL A 87 1.07 9.05 -5.64
N ASP A 88 2.21 8.72 -5.01
CA ASP A 88 2.24 7.60 -4.11
C ASP A 88 1.34 7.77 -2.92
N MET A 89 1.36 8.96 -2.33
CA MET A 89 0.53 9.28 -1.20
C MET A 89 -0.96 9.20 -1.54
N VAL A 90 -1.37 9.70 -2.71
CA VAL A 90 -2.76 9.66 -3.11
C VAL A 90 -3.21 8.21 -3.27
N ASN A 91 -2.40 7.41 -3.92
CA ASN A 91 -2.73 6.02 -4.15
C ASN A 91 -2.83 5.25 -2.86
N ASP A 92 -1.98 5.53 -1.87
CA ASP A 92 -2.08 4.89 -0.58
C ASP A 92 -3.33 5.35 0.17
N GLY A 93 -3.83 6.58 0.02
CA GLY A 93 -5.09 6.98 0.61
C GLY A 93 -6.24 6.21 -0.03
N VAL A 94 -6.20 6.00 -1.36
CA VAL A 94 -7.21 5.18 -2.05
C VAL A 94 -7.17 3.74 -1.52
N GLU A 95 -6.01 3.14 -1.35
CA GLU A 95 -5.88 1.80 -0.89
C GLU A 95 -6.44 1.66 0.54
N ASP A 96 -6.24 2.62 1.45
CA ASP A 96 -6.83 2.54 2.77
C ASP A 96 -8.34 2.49 2.73
N LEU A 97 -8.95 3.34 1.91
CA LEU A 97 -10.37 3.29 1.80
C LEU A 97 -10.79 2.02 1.05
N ARG A 98 -10.04 1.50 0.07
CA ARG A 98 -10.41 0.31 -0.68
C ARG A 98 -10.44 -0.90 0.23
N CYS A 99 -9.51 -0.92 1.17
CA CYS A 99 -9.42 -1.99 2.13
C CYS A 99 -10.59 -1.86 3.15
N LYS A 100 -11.08 -0.68 3.50
CA LYS A 100 -12.25 -0.58 4.37
C LYS A 100 -13.52 -0.95 3.61
N TYR A 101 -13.62 -0.63 2.32
CA TYR A 101 -14.77 -1.01 1.53
C TYR A 101 -14.82 -2.54 1.43
N ALA A 102 -13.67 -3.21 1.33
CA ALA A 102 -13.64 -4.65 1.22
C ALA A 102 -14.02 -5.32 2.53
N THR A 103 -13.66 -4.74 3.67
CA THR A 103 -14.13 -5.24 4.96
C THR A 103 -15.66 -5.17 5.07
N LEU A 104 -16.29 -4.04 4.73
CA LEU A 104 -17.74 -3.90 4.73
C LEU A 104 -18.35 -4.97 3.84
N ILE A 105 -17.90 -5.07 2.60
CA ILE A 105 -18.50 -5.98 1.62
C ILE A 105 -18.38 -7.42 2.05
N TYR A 106 -17.18 -7.85 2.46
CA TYR A 106 -16.96 -9.26 2.79
C TYR A 106 -17.15 -9.71 4.24
N THR A 107 -17.20 -8.83 5.25
CA THR A 107 -17.41 -9.31 6.60
C THR A 107 -18.61 -8.69 7.28
N ASN A 108 -19.18 -7.58 6.81
CA ASN A 108 -20.18 -6.91 7.62
C ASN A 108 -21.16 -6.13 6.78
N TYR A 109 -21.57 -6.57 5.58
CA TYR A 109 -22.36 -5.73 4.70
C TYR A 109 -23.67 -5.16 5.25
N GLU A 110 -24.56 -6.03 5.73
CA GLU A 110 -25.89 -5.65 6.22
C GLU A 110 -25.86 -4.84 7.52
N ALA A 111 -25.06 -5.25 8.50
CA ALA A 111 -24.99 -4.52 9.75
C ALA A 111 -24.17 -3.24 9.65
N GLY A 112 -23.07 -3.29 8.88
CA GLY A 112 -22.11 -2.19 8.79
C GLY A 112 -22.46 -1.08 7.81
N LYS A 113 -23.25 -1.36 6.77
CA LYS A 113 -23.56 -0.38 5.76
C LYS A 113 -23.90 1.03 6.27
N GLU A 114 -24.80 1.17 7.23
CA GLU A 114 -25.16 2.49 7.71
C GLU A 114 -23.98 3.22 8.38
N LYS A 115 -23.17 2.58 9.24
CA LYS A 115 -22.07 3.28 9.89
C LYS A 115 -21.02 3.68 8.85
N TYR A 116 -20.76 2.80 7.86
CA TYR A 116 -19.79 3.02 6.80
C TYR A 116 -20.25 4.22 6.00
N VAL A 117 -21.52 4.23 5.59
CA VAL A 117 -22.00 5.32 4.78
C VAL A 117 -21.97 6.62 5.58
N LYS A 118 -22.11 6.59 6.90
CA LYS A 118 -22.03 7.82 7.70
C LYS A 118 -20.62 8.39 7.80
N GLU A 119 -19.60 7.54 7.86
CA GLU A 119 -18.21 7.99 7.92
C GLU A 119 -17.59 8.32 6.56
N LEU A 120 -18.25 7.91 5.48
CA LEU A 120 -17.70 8.09 4.15
C LEU A 120 -17.35 9.53 3.77
N PRO A 121 -18.16 10.58 3.97
CA PRO A 121 -17.79 11.96 3.71
C PRO A 121 -16.44 12.36 4.26
N GLU A 122 -16.10 11.91 5.46
CA GLU A 122 -14.81 12.18 6.07
C GLU A 122 -13.65 11.52 5.37
N HIS A 123 -13.90 10.35 4.78
CA HIS A 123 -12.89 9.65 4.03
C HIS A 123 -12.85 10.21 2.62
N LEU A 124 -13.90 10.83 2.07
CA LEU A 124 -13.85 11.41 0.74
C LEU A 124 -13.32 12.84 0.72
N LYS A 125 -13.54 13.62 1.77
CA LYS A 125 -13.10 15.00 1.81
C LYS A 125 -11.60 15.22 1.51
N PRO A 126 -10.60 14.41 1.93
CA PRO A 126 -9.21 14.50 1.48
C PRO A 126 -9.02 14.61 -0.02
N PHE A 127 -9.81 13.88 -0.80
CA PHE A 127 -9.69 13.87 -2.25
C PHE A 127 -10.24 15.13 -2.89
N GLU A 128 -11.37 15.61 -2.36
CA GLU A 128 -12.00 16.87 -2.76
C GLU A 128 -11.01 18.00 -2.57
N THR A 129 -10.41 18.02 -1.40
CA THR A 129 -9.40 18.99 -1.08
C THR A 129 -8.24 18.94 -2.06
N LEU A 130 -7.67 17.77 -2.29
CA LEU A 130 -6.57 17.61 -3.22
C LEU A 130 -6.87 18.23 -4.59
N LEU A 131 -8.07 17.94 -5.07
CA LEU A 131 -8.58 18.49 -6.30
C LEU A 131 -8.72 20.00 -6.18
N SER A 132 -9.28 20.59 -5.10
CA SER A 132 -9.38 22.06 -4.94
C SER A 132 -8.05 22.75 -5.16
N GLN A 133 -7.02 22.12 -4.62
CA GLN A 133 -5.68 22.64 -4.69
C GLN A 133 -5.01 22.40 -6.04
N ASN A 134 -5.60 21.69 -6.97
CA ASN A 134 -4.93 21.45 -8.23
C ASN A 134 -5.73 22.03 -9.39
N GLN A 135 -5.37 23.26 -9.78
CA GLN A 135 -5.98 23.96 -10.89
C GLN A 135 -7.49 24.04 -10.70
N GLY A 136 -7.92 24.32 -9.46
CA GLY A 136 -9.34 24.44 -9.12
C GLY A 136 -10.14 23.17 -9.39
N GLY A 137 -9.51 21.98 -9.34
CA GLY A 137 -10.24 20.76 -9.53
C GLY A 137 -10.54 20.45 -10.96
N GLN A 138 -9.93 21.13 -11.92
CA GLN A 138 -10.32 20.84 -13.30
C GLN A 138 -9.36 19.90 -14.01
N ALA A 139 -8.30 19.48 -13.32
CA ALA A 139 -7.29 18.64 -13.92
C ALA A 139 -7.33 17.23 -13.36
N PHE A 140 -6.25 16.68 -12.79
CA PHE A 140 -6.26 15.33 -12.30
C PHE A 140 -6.03 15.43 -10.81
N VAL A 141 -5.73 14.31 -10.14
CA VAL A 141 -5.53 14.40 -8.70
C VAL A 141 -4.15 14.95 -8.38
N VAL A 142 -3.11 14.65 -9.16
CA VAL A 142 -1.82 15.30 -8.95
C VAL A 142 -1.37 15.87 -10.31
N GLY A 143 -1.16 17.18 -10.45
CA GLY A 143 -0.63 17.75 -11.68
C GLY A 143 -1.59 17.86 -12.85
N SER A 144 -0.98 17.94 -14.02
CA SER A 144 -1.67 18.21 -15.28
C SER A 144 -1.98 17.04 -16.16
N GLN A 145 -1.38 15.86 -15.92
CA GLN A 145 -1.71 14.65 -16.68
C GLN A 145 -2.14 13.52 -15.77
N ILE A 146 -2.72 12.47 -16.34
CA ILE A 146 -3.22 11.38 -15.55
C ILE A 146 -2.07 10.56 -14.98
N SER A 147 -2.31 9.89 -13.86
CA SER A 147 -1.34 9.04 -13.18
C SER A 147 -2.11 7.79 -12.88
N PHE A 148 -1.39 6.76 -12.47
CA PHE A 148 -2.01 5.49 -12.13
C PHE A 148 -3.00 5.63 -10.99
N ALA A 149 -2.73 6.62 -10.11
CA ALA A 149 -3.58 6.98 -9.00
C ALA A 149 -4.95 7.47 -9.45
N ASP A 150 -5.07 8.12 -10.61
CA ASP A 150 -6.39 8.56 -11.07
C ASP A 150 -7.20 7.36 -11.49
N TYR A 151 -6.60 6.31 -12.06
CA TYR A 151 -7.37 5.15 -12.47
C TYR A 151 -7.94 4.45 -11.27
N ASN A 152 -7.09 4.31 -10.27
CA ASN A 152 -7.48 3.69 -9.01
C ASN A 152 -8.54 4.53 -8.25
N LEU A 153 -8.39 5.85 -8.08
CA LEU A 153 -9.39 6.66 -7.42
C LEU A 153 -10.71 6.64 -8.17
N LEU A 154 -10.70 6.73 -9.52
CA LEU A 154 -11.91 6.72 -10.33
C LEU A 154 -12.68 5.43 -10.09
N ASP A 155 -12.00 4.28 -10.02
CA ASP A 155 -12.68 3.04 -9.79
C ASP A 155 -13.30 3.03 -8.39
N LEU A 156 -12.56 3.54 -7.41
CA LEU A 156 -13.02 3.57 -6.03
C LEU A 156 -14.29 4.44 -5.92
N LEU A 157 -14.32 5.59 -6.61
CA LEU A 157 -15.47 6.49 -6.60
C LEU A 157 -16.69 5.90 -7.28
N ARG A 158 -16.47 5.21 -8.38
CA ARG A 158 -17.56 4.60 -9.11
C ARG A 158 -18.16 3.44 -8.33
N ILE A 159 -17.39 2.58 -7.65
CA ILE A 159 -18.04 1.52 -6.90
C ILE A 159 -18.68 2.15 -5.68
N HIS A 160 -18.26 3.34 -5.17
CA HIS A 160 -18.97 3.92 -4.02
C HIS A 160 -20.31 4.56 -4.41
N GLN A 161 -20.47 5.00 -5.65
CA GLN A 161 -21.77 5.49 -6.06
C GLN A 161 -22.77 4.35 -6.19
N VAL A 162 -22.32 3.12 -6.41
CA VAL A 162 -23.24 1.98 -6.43
C VAL A 162 -23.72 1.69 -5.00
N LEU A 163 -22.78 1.67 -4.04
CA LEU A 163 -23.03 1.52 -2.61
C LEU A 163 -24.01 2.56 -2.09
N ASN A 164 -23.77 3.83 -2.39
CA ASN A 164 -24.64 4.87 -1.91
C ASN A 164 -24.64 5.93 -2.99
N PRO A 165 -25.66 5.98 -3.83
CA PRO A 165 -25.67 6.80 -5.02
C PRO A 165 -25.52 8.30 -4.82
N SER A 166 -25.89 8.82 -3.67
CA SER A 166 -25.75 10.23 -3.37
C SER A 166 -24.41 10.58 -2.74
N CYS A 167 -23.47 9.64 -2.58
CA CYS A 167 -22.26 9.91 -1.83
C CYS A 167 -21.49 11.09 -2.38
N LEU A 168 -21.48 11.35 -3.68
CA LEU A 168 -20.69 12.48 -4.16
C LEU A 168 -21.45 13.80 -4.23
N ASP A 169 -22.70 13.83 -3.77
CA ASP A 169 -23.53 15.03 -3.81
C ASP A 169 -22.92 16.20 -3.07
N ALA A 170 -22.24 16.01 -1.95
CA ALA A 170 -21.65 17.13 -1.25
C ALA A 170 -20.28 17.49 -1.80
N PHE A 171 -19.84 16.78 -2.84
CA PHE A 171 -18.48 16.87 -3.32
C PHE A 171 -18.53 17.17 -4.81
N PRO A 172 -18.82 18.42 -5.19
CA PRO A 172 -18.89 18.83 -6.58
C PRO A 172 -17.60 18.63 -7.38
N LEU A 173 -16.39 18.83 -6.87
CA LEU A 173 -15.19 18.56 -7.66
C LEU A 173 -15.02 17.06 -7.93
N LEU A 174 -15.35 16.19 -6.95
CA LEU A 174 -15.18 14.76 -7.16
C LEU A 174 -16.20 14.28 -8.15
N SER A 175 -17.41 14.84 -8.02
CA SER A 175 -18.52 14.51 -8.91
C SER A 175 -18.13 14.81 -10.36
N ALA A 176 -17.62 16.02 -10.57
CA ALA A 176 -17.24 16.45 -11.90
C ALA A 176 -16.09 15.62 -12.40
N TYR A 177 -15.16 15.28 -11.49
CA TYR A 177 -14.01 14.46 -11.79
C TYR A 177 -14.43 13.09 -12.32
N VAL A 178 -15.33 12.40 -11.66
CA VAL A 178 -15.80 11.09 -12.13
C VAL A 178 -16.38 11.22 -13.53
N ALA A 179 -17.21 12.24 -13.74
CA ALA A 179 -17.88 12.46 -15.03
C ALA A 179 -16.88 12.69 -16.15
N ARG A 180 -15.91 13.54 -15.88
CA ARG A 180 -14.88 13.91 -16.84
C ARG A 180 -14.03 12.69 -17.26
N LEU A 181 -13.37 12.04 -16.30
CA LEU A 181 -12.53 10.90 -16.61
C LEU A 181 -13.31 9.68 -17.14
N SER A 182 -14.51 9.35 -16.68
CA SER A 182 -15.33 8.29 -17.28
C SER A 182 -15.72 8.62 -18.75
N ALA A 183 -15.70 9.92 -19.16
CA ALA A 183 -16.03 10.29 -20.52
C ALA A 183 -14.82 10.22 -21.41
N ARG A 184 -13.63 9.90 -20.91
CA ARG A 184 -12.49 9.74 -21.78
C ARG A 184 -12.80 8.60 -22.73
N PRO A 185 -12.73 8.77 -24.05
CA PRO A 185 -13.32 7.84 -25.03
C PRO A 185 -12.98 6.38 -24.86
N LYS A 186 -11.72 6.08 -24.52
CA LYS A 186 -11.29 4.70 -24.32
C LYS A 186 -11.78 4.17 -22.99
N ILE A 187 -11.85 4.96 -21.92
CA ILE A 187 -12.40 4.48 -20.68
C ILE A 187 -13.89 4.33 -20.94
N LYS A 188 -14.63 5.29 -21.50
CA LYS A 188 -16.04 5.12 -21.78
C LYS A 188 -16.35 3.91 -22.67
N ALA A 189 -15.53 3.62 -23.67
CA ALA A 189 -15.70 2.43 -24.47
C ALA A 189 -15.46 1.19 -23.60
N PHE A 190 -14.48 1.20 -22.68
CA PHE A 190 -14.25 0.09 -21.78
C PHE A 190 -15.44 -0.10 -20.84
N LEU A 191 -15.91 0.97 -20.22
CA LEU A 191 -16.99 0.90 -19.27
C LEU A 191 -18.32 0.43 -19.87
N ALA A 192 -18.50 0.60 -21.17
CA ALA A 192 -19.69 0.05 -21.78
C ALA A 192 -19.47 -1.34 -22.36
N SER A 193 -18.25 -1.91 -22.33
CA SER A 193 -18.03 -3.19 -22.97
C SER A 193 -18.65 -4.32 -22.12
N PRO A 194 -19.22 -5.40 -22.72
CA PRO A 194 -19.87 -6.49 -21.99
C PRO A 194 -18.90 -7.15 -21.03
N GLU A 195 -17.63 -7.20 -21.41
CA GLU A 195 -16.57 -7.72 -20.58
C GLU A 195 -16.56 -6.99 -19.23
N HIS A 196 -16.74 -5.67 -19.21
CA HIS A 196 -16.82 -4.91 -17.96
C HIS A 196 -18.19 -5.10 -17.31
N VAL A 197 -19.24 -4.84 -18.11
CA VAL A 197 -20.63 -4.84 -17.66
C VAL A 197 -21.14 -6.14 -17.02
N ASN A 198 -20.66 -7.27 -17.50
CA ASN A 198 -21.15 -8.52 -16.99
C ASN A 198 -20.36 -9.03 -15.80
N ARG A 199 -19.29 -8.36 -15.44
CA ARG A 199 -18.45 -8.79 -14.34
C ARG A 199 -19.02 -8.13 -13.09
N PRO A 200 -19.23 -8.83 -11.97
CA PRO A 200 -19.72 -8.23 -10.75
C PRO A 200 -18.59 -7.41 -10.13
N ILE A 201 -18.94 -6.46 -9.27
CA ILE A 201 -17.94 -5.66 -8.61
C ILE A 201 -17.23 -6.60 -7.65
N ASN A 202 -17.93 -7.38 -6.84
CA ASN A 202 -17.26 -8.16 -5.81
C ASN A 202 -17.55 -9.64 -5.98
N GLY A 203 -16.87 -10.49 -5.23
CA GLY A 203 -17.03 -11.92 -5.38
C GLY A 203 -18.16 -12.56 -4.56
N ASN A 204 -18.90 -11.82 -3.74
CA ASN A 204 -19.95 -12.43 -2.94
C ASN A 204 -21.36 -11.95 -3.26
N GLY A 205 -21.59 -11.18 -4.33
CA GLY A 205 -22.93 -10.69 -4.65
C GLY A 205 -23.32 -9.32 -4.07
N LYS A 206 -22.48 -8.73 -3.20
CA LYS A 206 -22.80 -7.47 -2.55
C LYS A 206 -22.11 -6.32 -3.25
N GLN A 207 -22.80 -5.19 -3.21
CA GLN A 207 -22.51 -3.94 -3.90
C GLN A 207 -23.14 -2.81 -3.11
N PRO B 1 16.39 17.86 2.25
CA PRO B 1 16.59 17.94 3.68
C PRO B 1 16.20 19.38 4.05
N PRO B 2 16.10 19.84 5.31
CA PRO B 2 16.07 19.00 6.51
C PRO B 2 14.83 18.12 6.57
N TYR B 3 14.92 17.10 7.42
CA TYR B 3 13.85 16.13 7.60
C TYR B 3 13.20 16.24 8.96
N THR B 4 11.88 16.18 9.05
CA THR B 4 11.19 16.20 10.33
C THR B 4 10.13 15.14 10.23
N ILE B 5 10.01 14.31 11.26
CA ILE B 5 8.98 13.29 11.34
C ILE B 5 8.05 13.81 12.44
N THR B 6 6.75 13.90 12.22
CA THR B 6 5.80 14.29 13.24
C THR B 6 5.03 12.97 13.54
N TYR B 7 4.98 12.44 14.77
CA TYR B 7 4.30 11.17 15.01
C TYR B 7 4.02 11.08 16.48
N PHE B 8 3.21 10.09 16.84
CA PHE B 8 2.90 9.75 18.23
C PHE B 8 4.13 9.15 18.90
N PRO B 9 4.26 9.04 20.23
CA PRO B 9 5.46 8.53 20.88
C PRO B 9 5.54 7.02 20.79
N VAL B 10 5.52 6.38 19.61
CA VAL B 10 5.49 4.92 19.52
C VAL B 10 6.48 4.58 18.42
N ARG B 11 6.79 3.31 18.21
CA ARG B 11 7.63 2.90 17.10
C ARG B 11 6.77 2.83 15.84
N GLY B 12 5.71 2.02 15.93
CA GLY B 12 4.65 1.85 14.95
C GLY B 12 5.10 1.90 13.50
N ARG B 13 4.46 2.78 12.74
CA ARG B 13 4.72 2.92 11.32
C ARG B 13 5.89 3.82 10.98
N CYS B 14 6.74 4.23 11.94
CA CYS B 14 7.86 5.10 11.63
C CYS B 14 9.19 4.46 11.93
N GLU B 15 9.25 3.35 12.64
CA GLU B 15 10.56 2.79 12.95
C GLU B 15 11.32 2.29 11.73
N ALA B 16 10.65 1.89 10.65
CA ALA B 16 11.35 1.47 9.44
C ALA B 16 12.04 2.69 8.78
N MET B 17 11.35 3.83 8.64
CA MET B 17 11.96 4.99 8.01
C MET B 17 13.03 5.57 8.94
N ARG B 18 12.92 5.48 10.27
CA ARG B 18 13.99 5.89 11.18
C ARG B 18 15.25 5.07 10.99
N MET B 19 15.14 3.74 10.87
CA MET B 19 16.28 2.90 10.59
C MET B 19 16.88 3.20 9.22
N LEU B 20 16.08 3.46 8.19
CA LEU B 20 16.58 3.82 6.87
C LEU B 20 17.43 5.07 6.97
N LEU B 21 16.87 6.12 7.54
CA LEU B 21 17.60 7.36 7.62
C LEU B 21 18.88 7.19 8.42
N ALA B 22 18.88 6.43 9.52
CA ALA B 22 20.07 6.14 10.32
C ALA B 22 21.14 5.41 9.51
N ASP B 23 20.69 4.43 8.74
CA ASP B 23 21.60 3.67 7.96
C ASP B 23 22.13 4.51 6.79
N GLN B 24 21.41 5.56 6.39
CA GLN B 24 21.87 6.44 5.34
C GLN B 24 22.60 7.66 5.88
N ASP B 25 23.01 7.63 7.15
CA ASP B 25 23.72 8.73 7.80
C ASP B 25 22.99 10.05 7.92
N GLN B 26 21.69 10.03 7.86
CA GLN B 26 20.93 11.25 7.94
C GLN B 26 20.58 11.54 9.39
N SER B 27 20.32 12.81 9.66
CA SER B 27 19.77 13.21 10.93
C SER B 27 18.41 13.85 10.62
N TRP B 28 17.52 13.80 11.60
CA TRP B 28 16.16 14.25 11.40
C TRP B 28 15.67 14.77 12.75
N LYS B 29 14.60 15.52 12.70
CA LYS B 29 13.99 16.09 13.87
C LYS B 29 12.75 15.25 14.14
N GLU B 30 12.48 15.04 15.41
CA GLU B 30 11.31 14.32 15.89
C GLU B 30 10.35 15.27 16.59
N GLU B 31 9.21 15.41 15.96
CA GLU B 31 8.15 16.21 16.51
C GLU B 31 7.16 15.16 17.04
N VAL B 32 7.05 15.08 18.36
CA VAL B 32 6.26 14.09 19.06
C VAL B 32 4.91 14.73 19.32
N VAL B 33 3.85 13.99 18.99
CA VAL B 33 2.51 14.46 19.18
C VAL B 33 1.98 13.59 20.33
N THR B 34 1.35 14.27 21.28
CA THR B 34 0.77 13.63 22.43
C THR B 34 -0.76 13.68 22.32
N MET B 35 -1.38 13.08 23.33
CA MET B 35 -2.83 13.09 23.42
C MET B 35 -3.54 14.45 23.43
N GLU B 36 -2.79 15.45 23.88
CA GLU B 36 -3.34 16.79 23.92
C GLU B 36 -3.15 17.55 22.61
N THR B 37 -2.03 17.35 21.92
CA THR B 37 -1.82 18.04 20.67
C THR B 37 -2.41 17.28 19.49
N TRP B 38 -2.77 15.98 19.62
CA TRP B 38 -3.40 15.28 18.51
C TRP B 38 -4.78 15.83 18.18
N PRO B 39 -5.83 15.99 19.01
CA PRO B 39 -7.13 16.46 18.53
C PRO B 39 -7.14 17.79 17.77
N PRO B 40 -6.39 18.86 18.05
CA PRO B 40 -6.23 20.01 17.17
C PRO B 40 -5.39 19.82 15.90
N LEU B 41 -4.32 19.00 15.91
CA LEU B 41 -3.52 18.76 14.72
C LEU B 41 -4.29 18.00 13.65
N LYS B 42 -5.04 17.00 14.14
CA LYS B 42 -5.74 16.05 13.31
C LYS B 42 -6.44 16.59 12.07
N PRO B 43 -7.27 17.66 12.10
CA PRO B 43 -7.96 18.09 10.90
C PRO B 43 -7.03 18.77 9.90
N SER B 44 -5.78 19.11 10.22
CA SER B 44 -4.91 19.71 9.22
C SER B 44 -4.06 18.65 8.52
N CYS B 45 -4.24 17.36 8.86
CA CYS B 45 -3.50 16.27 8.28
C CYS B 45 -4.34 15.82 7.11
N LEU B 46 -3.77 15.68 5.93
CA LEU B 46 -4.52 15.35 4.74
C LEU B 46 -5.44 14.16 4.86
N PHE B 47 -4.97 13.02 5.38
CA PHE B 47 -5.85 11.86 5.52
C PHE B 47 -6.14 11.73 7.02
N ARG B 48 -6.18 12.86 7.73
CA ARG B 48 -6.39 12.98 9.17
C ARG B 48 -5.55 12.06 10.07
N GLN B 49 -4.38 11.61 9.62
CA GLN B 49 -3.52 10.70 10.37
C GLN B 49 -2.03 11.06 10.31
N LEU B 50 -1.28 10.40 11.18
CA LEU B 50 0.15 10.53 11.25
C LEU B 50 0.72 9.18 10.85
N PRO B 51 1.91 9.02 10.28
CA PRO B 51 2.93 10.08 10.12
C PRO B 51 2.76 11.18 9.09
N LYS B 52 3.42 12.28 9.45
CA LYS B 52 3.62 13.41 8.59
C LYS B 52 5.14 13.57 8.45
N PHE B 53 5.66 13.87 7.27
CA PHE B 53 7.08 14.01 7.03
C PHE B 53 7.36 15.31 6.27
N GLN B 54 8.39 16.04 6.67
CA GLN B 54 8.78 17.21 5.94
C GLN B 54 10.20 16.95 5.47
N ASP B 55 10.41 17.19 4.21
CA ASP B 55 11.73 17.11 3.64
C ASP B 55 11.91 18.43 2.87
N GLY B 56 12.48 19.44 3.53
CA GLY B 56 12.65 20.75 2.93
C GLY B 56 11.26 21.31 2.76
N ASP B 57 10.85 21.69 1.54
CA ASP B 57 9.53 22.26 1.33
C ASP B 57 8.45 21.22 1.02
N LEU B 58 8.82 19.94 0.94
CA LEU B 58 7.85 18.89 0.67
C LEU B 58 7.29 18.31 1.97
N THR B 59 5.97 18.29 2.14
CA THR B 59 5.31 17.62 3.25
C THR B 59 4.60 16.42 2.68
N LEU B 60 4.78 15.30 3.36
CA LEU B 60 4.25 14.04 2.94
C LEU B 60 3.53 13.35 4.08
N TYR B 61 2.48 12.65 3.71
CA TYR B 61 1.74 11.77 4.60
C TYR B 61 1.85 10.40 3.92
N GLN B 62 1.33 9.37 4.59
CA GLN B 62 1.34 7.96 4.22
C GLN B 62 2.74 7.39 4.38
N SER B 63 2.96 6.48 5.34
CA SER B 63 4.26 5.91 5.65
C SER B 63 4.88 5.19 4.47
N ASN B 64 4.16 4.49 3.59
CA ASN B 64 4.84 3.83 2.47
C ASN B 64 5.25 4.78 1.35
N ALA B 65 4.50 5.89 1.18
CA ALA B 65 4.84 6.94 0.26
C ALA B 65 6.08 7.64 0.81
N ILE B 66 6.26 7.80 2.14
CA ILE B 66 7.48 8.40 2.68
C ILE B 66 8.65 7.46 2.43
N LEU B 67 8.44 6.16 2.58
CA LEU B 67 9.52 5.21 2.30
C LEU B 67 9.87 5.18 0.83
N ARG B 68 8.90 5.19 -0.10
CA ARG B 68 9.22 5.22 -1.50
C ARG B 68 9.99 6.48 -1.92
N HIS B 69 9.64 7.64 -1.39
CA HIS B 69 10.36 8.87 -1.64
C HIS B 69 11.79 8.78 -1.14
N LEU B 70 12.00 8.29 0.07
CA LEU B 70 13.36 8.19 0.58
C LEU B 70 14.13 7.15 -0.25
N GLY B 71 13.41 6.13 -0.75
CA GLY B 71 13.96 5.11 -1.61
C GLY B 71 14.49 5.75 -2.88
N ARG B 72 13.74 6.66 -3.49
CA ARG B 72 14.22 7.38 -4.67
C ARG B 72 15.35 8.33 -4.32
N SER B 73 15.25 9.11 -3.24
CA SER B 73 16.34 9.99 -2.82
C SER B 73 17.67 9.29 -2.51
N PHE B 74 17.68 8.07 -1.98
CA PHE B 74 18.97 7.43 -1.67
C PHE B 74 19.30 6.25 -2.53
N GLY B 75 18.50 6.00 -3.57
CA GLY B 75 18.83 4.91 -4.47
C GLY B 75 18.69 3.56 -3.79
N LEU B 76 17.56 3.42 -3.10
CA LEU B 76 17.17 2.24 -2.38
C LEU B 76 15.93 1.67 -3.07
N TYR B 77 15.84 1.68 -4.40
CA TYR B 77 14.64 1.23 -5.09
C TYR B 77 14.96 0.27 -6.24
N GLY B 78 15.96 -0.60 -6.10
CA GLY B 78 16.24 -1.55 -7.17
C GLY B 78 17.29 -1.00 -8.13
N LYS B 79 17.88 -1.88 -8.93
CA LYS B 79 18.91 -1.41 -9.81
C LYS B 79 18.30 -1.09 -11.15
N ASP B 80 17.09 -1.56 -11.45
CA ASP B 80 16.49 -1.24 -12.73
C ASP B 80 14.98 -1.27 -12.54
N GLN B 81 14.23 -1.15 -13.62
CA GLN B 81 12.78 -1.14 -13.60
C GLN B 81 12.11 -2.42 -13.09
N LYS B 82 12.62 -3.59 -13.50
CA LYS B 82 12.08 -4.88 -13.08
C LYS B 82 12.26 -5.00 -11.57
N GLU B 83 13.48 -4.68 -11.11
CA GLU B 83 13.79 -4.65 -9.69
C GLU B 83 12.94 -3.67 -8.89
N ALA B 84 12.59 -2.49 -9.45
CA ALA B 84 11.76 -1.54 -8.74
C ALA B 84 10.39 -2.15 -8.52
N ALA B 85 9.84 -2.84 -9.53
CA ALA B 85 8.53 -3.45 -9.43
C ALA B 85 8.53 -4.57 -8.36
N LEU B 86 9.59 -5.38 -8.32
CA LEU B 86 9.72 -6.42 -7.31
C LEU B 86 9.88 -5.84 -5.90
N VAL B 87 10.61 -4.73 -5.71
CA VAL B 87 10.69 -4.06 -4.41
C VAL B 87 9.29 -3.59 -4.01
N ASP B 88 8.47 -3.07 -4.95
CA ASP B 88 7.11 -2.66 -4.63
C ASP B 88 6.22 -3.79 -4.18
N MET B 89 6.38 -4.95 -4.81
CA MET B 89 5.65 -6.16 -4.47
C MET B 89 5.93 -6.62 -3.05
N VAL B 90 7.21 -6.72 -2.70
CA VAL B 90 7.63 -7.15 -1.36
C VAL B 90 7.06 -6.15 -0.38
N ASN B 91 7.27 -4.83 -0.59
CA ASN B 91 6.75 -3.82 0.34
C ASN B 91 5.24 -3.91 0.50
N ASP B 92 4.45 -4.25 -0.51
CA ASP B 92 3.03 -4.37 -0.30
C ASP B 92 2.70 -5.63 0.49
N GLY B 93 3.45 -6.73 0.36
CA GLY B 93 3.26 -7.94 1.13
C GLY B 93 3.55 -7.66 2.60
N VAL B 94 4.58 -6.84 2.84
CA VAL B 94 4.94 -6.37 4.19
C VAL B 94 3.80 -5.53 4.77
N GLU B 95 3.24 -4.61 3.98
CA GLU B 95 2.15 -3.75 4.39
C GLU B 95 0.88 -4.55 4.68
N ASP B 96 0.51 -5.56 3.90
CA ASP B 96 -0.60 -6.42 4.24
C ASP B 96 -0.49 -7.10 5.61
N LEU B 97 0.66 -7.71 5.90
CA LEU B 97 0.90 -8.30 7.20
C LEU B 97 0.98 -7.21 8.27
N ARG B 98 1.52 -6.02 7.99
CA ARG B 98 1.59 -4.95 8.99
C ARG B 98 0.16 -4.52 9.33
N CYS B 99 -0.72 -4.56 8.35
CA CYS B 99 -2.11 -4.23 8.57
C CYS B 99 -2.75 -5.28 9.48
N LYS B 100 -2.57 -6.59 9.25
CA LYS B 100 -3.17 -7.60 10.11
C LYS B 100 -2.66 -7.57 11.56
N TYR B 101 -1.38 -7.28 11.76
CA TYR B 101 -0.84 -7.16 13.09
C TYR B 101 -1.49 -5.94 13.73
N ALA B 102 -1.70 -4.80 13.04
CA ALA B 102 -2.33 -3.64 13.64
C ALA B 102 -3.76 -3.90 14.12
N THR B 103 -4.53 -4.64 13.33
CA THR B 103 -5.86 -5.04 13.72
C THR B 103 -5.76 -5.94 14.92
N LEU B 104 -4.89 -6.94 14.97
CA LEU B 104 -4.78 -7.79 16.15
C LEU B 104 -4.50 -6.94 17.39
N ILE B 105 -3.38 -6.20 17.39
CA ILE B 105 -2.93 -5.37 18.51
C ILE B 105 -4.02 -4.43 19.01
N TYR B 106 -4.58 -3.65 18.08
CA TYR B 106 -5.52 -2.61 18.44
C TYR B 106 -6.94 -3.10 18.59
N THR B 107 -7.36 -4.26 18.07
CA THR B 107 -8.77 -4.59 18.22
C THR B 107 -9.10 -5.93 18.83
N ASN B 108 -8.28 -6.96 18.66
CA ASN B 108 -8.70 -8.27 19.13
C ASN B 108 -7.49 -8.96 19.73
N TYR B 109 -6.64 -8.25 20.45
CA TYR B 109 -5.39 -8.86 20.89
C TYR B 109 -5.52 -10.12 21.74
N GLU B 110 -6.38 -10.06 22.75
CA GLU B 110 -6.57 -11.17 23.66
C GLU B 110 -7.16 -12.41 22.99
N ALA B 111 -8.29 -12.27 22.32
CA ALA B 111 -8.95 -13.44 21.77
C ALA B 111 -8.30 -13.94 20.48
N GLY B 112 -7.79 -12.99 19.68
CA GLY B 112 -7.24 -13.32 18.39
C GLY B 112 -5.77 -13.73 18.40
N LYS B 113 -4.98 -13.45 19.43
CA LYS B 113 -3.54 -13.69 19.35
C LYS B 113 -3.18 -15.10 18.94
N GLU B 114 -3.79 -16.15 19.49
CA GLU B 114 -3.42 -17.53 19.20
C GLU B 114 -3.75 -17.95 17.78
N LYS B 115 -4.84 -17.41 17.24
CA LYS B 115 -5.33 -17.66 15.91
C LYS B 115 -4.30 -17.09 14.95
N TYR B 116 -3.99 -15.81 15.22
CA TYR B 116 -3.02 -15.03 14.48
C TYR B 116 -1.70 -15.78 14.42
N VAL B 117 -1.23 -16.18 15.59
CA VAL B 117 0.05 -16.82 15.74
C VAL B 117 -0.03 -18.14 15.00
N LYS B 118 -1.18 -18.83 14.98
CA LYS B 118 -1.29 -20.08 14.24
C LYS B 118 -1.30 -19.84 12.73
N GLU B 119 -1.78 -18.71 12.22
CA GLU B 119 -1.76 -18.51 10.78
C GLU B 119 -0.49 -17.84 10.30
N LEU B 120 0.33 -17.36 11.24
CA LEU B 120 1.50 -16.56 10.88
C LEU B 120 2.49 -17.24 9.94
N PRO B 121 2.93 -18.51 10.09
CA PRO B 121 3.85 -19.13 9.16
C PRO B 121 3.47 -19.06 7.69
N GLU B 122 2.18 -19.04 7.35
CA GLU B 122 1.80 -18.91 5.96
C GLU B 122 2.05 -17.49 5.46
N HIS B 123 2.05 -16.51 6.35
CA HIS B 123 2.34 -15.15 5.95
C HIS B 123 3.84 -14.90 5.91
N LEU B 124 4.66 -15.66 6.62
CA LEU B 124 6.10 -15.43 6.58
C LEU B 124 6.81 -16.20 5.49
N LYS B 125 6.24 -17.34 5.13
CA LYS B 125 6.76 -18.21 4.11
C LYS B 125 7.07 -17.50 2.77
N PRO B 126 6.26 -16.62 2.16
CA PRO B 126 6.63 -15.89 0.96
C PRO B 126 7.93 -15.12 1.08
N PHE B 127 8.27 -14.56 2.24
CA PHE B 127 9.57 -13.89 2.37
C PHE B 127 10.72 -14.91 2.47
N GLU B 128 10.54 -16.07 3.10
CA GLU B 128 11.58 -17.09 3.16
C GLU B 128 11.84 -17.54 1.73
N THR B 129 10.76 -17.74 0.98
CA THR B 129 10.87 -18.08 -0.41
C THR B 129 11.62 -17.03 -1.23
N LEU B 130 11.30 -15.73 -1.13
CA LEU B 130 12.05 -14.74 -1.89
C LEU B 130 13.54 -14.77 -1.55
N LEU B 131 13.82 -14.86 -0.26
CA LEU B 131 15.19 -14.96 0.17
C LEU B 131 15.88 -16.22 -0.38
N SER B 132 15.25 -17.38 -0.51
CA SER B 132 15.99 -18.51 -1.07
C SER B 132 16.21 -18.39 -2.57
N GLN B 133 15.29 -17.78 -3.31
CA GLN B 133 15.46 -17.57 -4.75
C GLN B 133 16.57 -16.56 -4.99
N ASN B 134 16.87 -15.66 -4.07
CA ASN B 134 17.84 -14.61 -4.30
C ASN B 134 19.19 -14.74 -3.62
N GLN B 135 20.22 -15.13 -4.39
CA GLN B 135 21.63 -15.18 -3.98
C GLN B 135 21.85 -15.93 -2.66
N GLY B 136 21.16 -17.06 -2.54
CA GLY B 136 21.23 -17.94 -1.38
C GLY B 136 20.73 -17.35 -0.06
N GLY B 137 19.94 -16.28 -0.08
CA GLY B 137 19.45 -15.64 1.13
C GLY B 137 20.55 -14.85 1.80
N GLN B 138 21.69 -14.76 1.13
CA GLN B 138 22.84 -14.10 1.70
C GLN B 138 22.89 -12.62 1.51
N ALA B 139 21.96 -12.08 0.72
CA ALA B 139 21.98 -10.65 0.44
C ALA B 139 20.72 -9.93 0.90
N PHE B 140 19.81 -9.43 0.04
CA PHE B 140 18.70 -8.62 0.48
C PHE B 140 17.45 -9.26 -0.04
N VAL B 141 16.26 -8.70 0.22
CA VAL B 141 15.05 -9.36 -0.21
C VAL B 141 14.89 -9.31 -1.74
N VAL B 142 15.45 -8.30 -2.41
CA VAL B 142 15.43 -8.17 -3.87
C VAL B 142 16.82 -7.69 -4.27
N GLY B 143 17.54 -8.49 -5.04
CA GLY B 143 18.78 -8.00 -5.61
C GLY B 143 19.97 -8.07 -4.68
N SER B 144 21.00 -7.32 -5.05
CA SER B 144 22.23 -7.36 -4.29
C SER B 144 22.45 -6.15 -3.44
N GLN B 145 21.49 -5.22 -3.45
CA GLN B 145 21.63 -4.01 -2.65
C GLN B 145 20.35 -3.76 -1.84
N ILE B 146 20.48 -3.06 -0.71
CA ILE B 146 19.35 -2.81 0.15
C ILE B 146 18.34 -1.85 -0.52
N SER B 147 17.06 -2.11 -0.27
CA SER B 147 15.99 -1.28 -0.79
C SER B 147 15.17 -0.82 0.41
N PHE B 148 14.23 0.12 0.28
CA PHE B 148 13.42 0.57 1.39
C PHE B 148 12.58 -0.58 1.94
N ALA B 149 12.23 -1.60 1.14
CA ALA B 149 11.43 -2.72 1.63
C ALA B 149 12.19 -3.63 2.61
N ASP B 150 13.53 -3.61 2.65
CA ASP B 150 14.33 -4.36 3.60
C ASP B 150 14.22 -3.74 4.97
N TYR B 151 14.19 -2.42 5.09
CA TYR B 151 14.00 -1.76 6.38
C TYR B 151 12.60 -2.04 6.90
N ASN B 152 11.61 -2.01 6.02
CA ASN B 152 10.24 -2.26 6.44
C ASN B 152 10.03 -3.74 6.83
N LEU B 153 10.54 -4.71 6.07
CA LEU B 153 10.48 -6.10 6.45
C LEU B 153 11.32 -6.35 7.71
N LEU B 154 12.53 -5.84 7.89
CA LEU B 154 13.29 -6.04 9.12
C LEU B 154 12.46 -5.63 10.36
N ASP B 155 11.80 -4.46 10.28
CA ASP B 155 10.99 -3.98 11.38
C ASP B 155 9.87 -4.96 11.69
N LEU B 156 9.18 -5.43 10.67
CA LEU B 156 8.06 -6.33 10.80
C LEU B 156 8.44 -7.66 11.47
N LEU B 157 9.57 -8.22 11.05
CA LEU B 157 10.06 -9.48 11.57
C LEU B 157 10.45 -9.27 13.02
N ARG B 158 11.16 -8.20 13.38
CA ARG B 158 11.51 -7.90 14.76
C ARG B 158 10.31 -7.66 15.67
N ILE B 159 9.21 -7.05 15.24
CA ILE B 159 8.06 -6.87 16.12
C ILE B 159 7.33 -8.19 16.23
N HIS B 160 7.41 -9.06 15.21
CA HIS B 160 6.73 -10.34 15.33
C HIS B 160 7.52 -11.28 16.23
N GLN B 161 8.84 -11.16 16.36
CA GLN B 161 9.59 -11.98 17.30
C GLN B 161 9.27 -11.59 18.72
N VAL B 162 8.86 -10.35 18.99
CA VAL B 162 8.39 -9.97 20.30
C VAL B 162 7.02 -10.61 20.54
N LEU B 163 6.14 -10.52 19.56
CA LEU B 163 4.82 -11.09 19.62
C LEU B 163 4.88 -12.60 19.84
N ASN B 164 5.75 -13.28 19.12
CA ASN B 164 5.84 -14.72 19.16
C ASN B 164 7.29 -15.13 19.02
N PRO B 165 8.00 -15.30 20.14
CA PRO B 165 9.45 -15.41 20.17
C PRO B 165 10.03 -16.49 19.27
N SER B 166 9.23 -17.54 18.99
CA SER B 166 9.74 -18.59 18.15
C SER B 166 9.16 -18.59 16.74
N CYS B 167 8.61 -17.44 16.25
CA CYS B 167 7.92 -17.40 14.98
C CYS B 167 8.85 -17.64 13.80
N LEU B 168 10.16 -17.40 13.92
CA LEU B 168 11.05 -17.67 12.82
C LEU B 168 11.74 -19.04 12.87
N ASP B 169 11.24 -20.02 13.66
CA ASP B 169 11.90 -21.33 13.79
C ASP B 169 11.88 -22.09 12.51
N ALA B 170 10.78 -22.04 11.80
CA ALA B 170 10.70 -22.76 10.54
C ALA B 170 11.34 -22.03 9.36
N PHE B 171 11.92 -20.84 9.63
CA PHE B 171 12.44 -19.98 8.60
C PHE B 171 13.88 -19.56 8.90
N PRO B 172 14.87 -20.37 8.52
CA PRO B 172 16.30 -20.09 8.73
C PRO B 172 16.94 -18.88 8.05
N LEU B 173 16.55 -18.65 6.79
CA LEU B 173 17.08 -17.51 6.07
C LEU B 173 16.46 -16.28 6.67
N LEU B 174 15.22 -16.33 7.16
CA LEU B 174 14.60 -15.14 7.75
C LEU B 174 15.29 -14.88 9.07
N SER B 175 15.68 -15.90 9.84
CA SER B 175 16.37 -15.66 11.12
C SER B 175 17.75 -15.10 10.89
N ALA B 176 18.49 -15.65 9.93
CA ALA B 176 19.82 -15.13 9.60
C ALA B 176 19.76 -13.69 9.06
N TYR B 177 18.77 -13.44 8.20
CA TYR B 177 18.48 -12.11 7.69
C TYR B 177 18.20 -11.12 8.83
N VAL B 178 17.33 -11.40 9.79
CA VAL B 178 17.10 -10.46 10.88
C VAL B 178 18.42 -10.17 11.57
N ALA B 179 19.20 -11.21 11.87
CA ALA B 179 20.48 -11.04 12.56
C ALA B 179 21.50 -10.19 11.81
N ARG B 180 21.65 -10.47 10.52
CA ARG B 180 22.60 -9.79 9.66
C ARG B 180 22.26 -8.31 9.58
N LEU B 181 21.01 -8.00 9.20
CA LEU B 181 20.61 -6.63 9.01
C LEU B 181 20.62 -5.86 10.30
N SER B 182 20.24 -6.50 11.41
CA SER B 182 20.31 -5.82 12.69
C SER B 182 21.74 -5.49 13.11
N ALA B 183 22.74 -6.20 12.58
CA ALA B 183 24.09 -5.93 12.97
C ALA B 183 24.77 -4.85 12.14
N ARG B 184 24.11 -4.32 11.10
CA ARG B 184 24.68 -3.22 10.34
C ARG B 184 24.97 -2.06 11.29
N PRO B 185 26.19 -1.51 11.38
CA PRO B 185 26.62 -0.64 12.47
C PRO B 185 25.78 0.59 12.79
N LYS B 186 25.23 1.25 11.76
CA LYS B 186 24.37 2.39 12.02
C LYS B 186 22.98 1.93 12.49
N ILE B 187 22.48 0.77 12.05
CA ILE B 187 21.19 0.22 12.51
C ILE B 187 21.38 -0.29 13.95
N LYS B 188 22.46 -1.02 14.24
CA LYS B 188 22.82 -1.49 15.58
C LYS B 188 22.91 -0.33 16.55
N ALA B 189 23.52 0.78 16.14
CA ALA B 189 23.57 1.96 16.98
C ALA B 189 22.19 2.54 17.25
N PHE B 190 21.35 2.62 16.21
CA PHE B 190 20.00 3.14 16.38
C PHE B 190 19.22 2.22 17.31
N LEU B 191 19.31 0.90 17.14
CA LEU B 191 18.52 -0.01 17.96
C LEU B 191 18.90 0.01 19.45
N ALA B 192 20.14 0.39 19.71
CA ALA B 192 20.62 0.60 21.08
C ALA B 192 20.24 1.97 21.66
N SER B 193 19.94 2.95 20.79
CA SER B 193 19.54 4.28 21.21
C SER B 193 18.46 4.32 22.27
N PRO B 194 18.58 5.18 23.29
CA PRO B 194 17.51 5.47 24.23
C PRO B 194 16.21 5.83 23.50
N GLU B 195 16.28 6.68 22.48
CA GLU B 195 15.11 7.08 21.67
C GLU B 195 14.42 5.86 21.13
N HIS B 196 15.16 4.88 20.64
CA HIS B 196 14.54 3.68 20.17
C HIS B 196 14.03 2.83 21.32
N VAL B 197 14.83 2.58 22.36
CA VAL B 197 14.41 1.64 23.39
C VAL B 197 13.31 2.20 24.28
N ASN B 198 13.18 3.53 24.40
CA ASN B 198 12.23 4.09 25.34
C ASN B 198 10.82 4.31 24.79
N ARG B 199 10.54 3.91 23.55
CA ARG B 199 9.19 4.12 23.11
C ARG B 199 8.61 2.74 22.84
N PRO B 200 7.35 2.56 23.19
CA PRO B 200 6.62 1.35 22.95
C PRO B 200 6.52 1.10 21.46
N ILE B 201 6.37 -0.18 21.16
CA ILE B 201 6.20 -0.63 19.81
C ILE B 201 4.85 -0.06 19.42
N ASN B 202 3.80 -0.24 20.23
CA ASN B 202 2.48 0.22 19.84
C ASN B 202 1.91 1.19 20.85
N GLY B 203 0.88 1.91 20.47
CA GLY B 203 0.33 2.94 21.35
C GLY B 203 -0.67 2.48 22.40
N ASN B 204 -0.97 1.19 22.56
CA ASN B 204 -1.94 0.81 23.56
C ASN B 204 -1.30 -0.06 24.62
N GLY B 205 0.00 -0.13 24.79
CA GLY B 205 0.58 -1.04 25.77
C GLY B 205 0.66 -2.48 25.27
N LYS B 206 -0.10 -2.93 24.27
CA LYS B 206 0.04 -4.30 23.79
C LYS B 206 1.16 -4.48 22.78
N GLN B 207 1.66 -5.70 22.77
CA GLN B 207 2.89 -6.07 22.12
C GLN B 207 2.94 -7.61 22.02
N1 GTS C . -2.58 -7.18 -1.49
CA1 GTS C . -3.24 -7.99 -2.46
C1 GTS C . -3.34 -7.06 -3.66
O11 GTS C . -3.47 -5.86 -3.47
O12 GTS C . -3.23 -7.56 -4.76
CB1 GTS C . -4.63 -8.35 -2.04
CG1 GTS C . -5.22 -9.36 -2.98
CD1 GTS C . -6.43 -10.06 -2.38
OE1 GTS C . -7.04 -9.62 -1.38
N2 GTS C . -6.77 -11.07 -3.17
CA2 GTS C . -8.00 -11.84 -3.02
C2 GTS C . -7.66 -13.31 -3.05
O2 GTS C . -6.72 -13.70 -3.75
CB2 GTS C . -8.96 -11.61 -4.14
SG2 GTS C . -9.76 -9.99 -4.12
O1S GTS C . -8.85 -8.93 -4.38
O2S GTS C . -10.80 -10.03 -5.11
O3S GTS C . -10.40 -9.72 -2.87
N3 GTS C . -8.45 -14.08 -2.31
CA3 GTS C . -8.32 -15.52 -2.30
C3 GTS C . -7.52 -16.03 -1.12
O31 GTS C . -7.08 -15.26 -0.26
O32 GTS C . -7.41 -17.24 -1.05
N1 GTS D . -1.91 4.41 5.81
CA1 GTS D . -1.48 5.26 6.90
C1 GTS D . 0.04 5.20 6.80
O11 GTS D . 0.69 6.21 7.05
O12 GTS D . 0.56 4.16 6.40
CB1 GTS D . -1.91 4.70 8.24
CG1 GTS D . -1.48 5.64 9.36
CD1 GTS D . -2.32 5.44 10.61
OE1 GTS D . -3.09 4.49 10.79
N2 GTS D . -1.98 6.32 11.53
CA2 GTS D . -2.47 6.25 12.89
C2 GTS D . -3.14 7.54 13.31
O2 GTS D . -2.69 8.63 12.94
CB2 GTS D . -1.34 6.05 13.87
SG2 GTS D . -0.49 4.47 13.81
O1S GTS D . 0.27 4.37 12.62
O2S GTS D . 0.41 4.44 14.92
O3S GTS D . -1.41 3.39 13.87
N3 GTS D . -4.19 7.40 14.12
CA3 GTS D . -4.83 8.53 14.75
C3 GTS D . -6.22 8.75 14.19
O31 GTS D . -6.68 7.97 13.38
O32 GTS D . -6.86 9.68 14.65
#